data_9NK9
#
_entry.id   9NK9
#
_cell.length_a   46.876
_cell.length_b   46.876
_cell.length_c   91.184
_cell.angle_alpha   90.00
_cell.angle_beta   90.00
_cell.angle_gamma   120.00
#
_symmetry.space_group_name_H-M   'P 31 2 1'
#
loop_
_entity.id
_entity.type
_entity.pdbx_description
1 polymer Nanobody
2 polymer SER-PHE-GLU-ASP-PHE-TRP-LYS-GLY-GLU-ASP
3 water water
#
loop_
_entity_poly.entity_id
_entity_poly.type
_entity_poly.pdbx_seq_one_letter_code
_entity_poly.pdbx_strand_id
1 'polypeptide(L)'
;EVQLVESGGGLVQAGESLRLSCAASGSTFDFKVMGWYRQPPGKQREGVAAIRLSGNMHYAESVKGRFAISKANAKNTVYL
QMNSLRPEDTAVYYCKVNIRGQDYWGQGTQVTVSSVSSGGLPETGGHHHHHH
;
A
2 'polypeptide(L)' SFEDFWKGED B
#
# COMPACT_ATOMS: atom_id res chain seq x y z
N GLU A 1 -4.68 11.33 -16.27
CA GLU A 1 -4.17 10.10 -16.87
C GLU A 1 -2.92 9.65 -16.13
N VAL A 2 -3.06 9.53 -14.82
CA VAL A 2 -2.01 9.00 -13.96
C VAL A 2 -2.11 7.48 -13.94
N GLN A 3 -0.97 6.82 -14.00
CA GLN A 3 -0.87 5.37 -14.09
C GLN A 3 -0.13 4.87 -12.85
N LEU A 4 -0.63 3.82 -12.19
CA LEU A 4 0.08 3.27 -11.06
C LEU A 4 0.77 1.96 -11.46
N VAL A 5 2.01 1.79 -11.05
CA VAL A 5 2.72 0.56 -11.32
C VAL A 5 3.15 -0.02 -9.98
N GLU A 6 2.59 -1.20 -9.65
CA GLU A 6 2.82 -1.92 -8.40
C GLU A 6 3.76 -3.09 -8.66
N SER A 7 4.74 -3.30 -7.78
CA SER A 7 5.63 -4.42 -7.97
C SER A 7 6.01 -5.01 -6.63
N GLY A 8 6.63 -6.20 -6.69
CA GLY A 8 7.18 -6.84 -5.52
C GLY A 8 6.33 -7.94 -4.95
N GLY A 9 5.12 -8.10 -5.45
CA GLY A 9 4.21 -9.06 -4.88
C GLY A 9 4.53 -10.49 -5.30
N GLY A 10 3.77 -11.42 -4.75
CA GLY A 10 3.89 -12.80 -5.17
C GLY A 10 3.48 -13.73 -4.04
N LEU A 11 4.03 -14.94 -4.12
CA LEU A 11 3.56 -16.09 -3.37
C LEU A 11 4.69 -16.47 -2.41
N VAL A 12 4.45 -16.32 -1.10
CA VAL A 12 5.50 -16.29 -0.09
C VAL A 12 5.19 -17.20 1.09
N GLN A 13 6.24 -17.48 1.84
CA GLN A 13 6.16 -18.37 2.99
C GLN A 13 5.79 -17.57 4.22
N ALA A 14 5.00 -18.20 5.09
CA ALA A 14 4.65 -17.56 6.37
C ALA A 14 5.93 -17.20 7.13
N GLY A 15 5.91 -16.04 7.77
CA GLY A 15 7.05 -15.61 8.58
C GLY A 15 8.12 -14.87 7.80
N GLU A 16 8.08 -14.91 6.48
CA GLU A 16 8.98 -14.12 5.66
C GLU A 16 8.50 -12.68 5.56
N SER A 17 9.35 -11.83 4.98
CA SER A 17 9.10 -10.40 4.74
C SER A 17 8.99 -10.14 3.24
N LEU A 18 8.28 -9.07 2.89
CA LEU A 18 8.07 -8.68 1.50
C LEU A 18 7.97 -7.15 1.42
N ARG A 19 8.59 -6.56 0.40
CA ARG A 19 8.41 -5.14 0.16
C ARG A 19 7.65 -4.96 -1.15
N LEU A 20 6.52 -4.25 -1.09
CA LEU A 20 5.83 -3.79 -2.28
C LEU A 20 6.32 -2.42 -2.70
N SER A 21 6.26 -2.15 -3.98
CA SER A 21 6.58 -0.85 -4.50
C SER A 21 5.45 -0.32 -5.38
N CYS A 22 5.24 0.99 -5.31
CA CYS A 22 4.24 1.65 -6.14
C CYS A 22 4.78 2.98 -6.60
N ALA A 23 4.71 3.21 -7.91
CA ALA A 23 5.17 4.43 -8.54
C ALA A 23 4.01 5.02 -9.29
N ALA A 24 3.63 6.24 -8.93
CA ALA A 24 2.59 6.97 -9.62
C ALA A 24 3.25 7.71 -10.75
N SER A 25 2.59 7.68 -11.87
CA SER A 25 3.25 8.00 -13.10
C SER A 25 2.40 8.88 -13.98
N GLY A 26 3.11 9.70 -14.77
CA GLY A 26 2.45 10.58 -15.71
C GLY A 26 2.09 11.90 -15.12
N SER A 27 2.74 12.27 -14.02
CA SER A 27 2.55 13.59 -13.45
C SER A 27 3.89 14.10 -12.93
N THR A 28 4.13 15.38 -13.14
CA THR A 28 5.23 16.14 -12.56
C THR A 28 4.86 16.68 -11.19
N PHE A 29 3.66 16.41 -10.72
CA PHE A 29 3.11 17.01 -9.50
C PHE A 29 3.18 16.01 -8.37
N ASP A 30 3.79 16.41 -7.26
CA ASP A 30 3.87 15.53 -6.09
C ASP A 30 2.48 15.19 -5.59
N PHE A 31 2.34 13.99 -5.05
CA PHE A 31 1.07 13.60 -4.46
C PHE A 31 0.78 14.39 -3.19
N LYS A 32 -0.48 14.38 -2.74
CA LYS A 32 -0.78 14.80 -1.39
C LYS A 32 -0.71 13.64 -0.40
N VAL A 33 -1.26 12.49 -0.79
CA VAL A 33 -1.21 11.31 0.03
C VAL A 33 -1.15 10.12 -0.92
N MET A 34 -0.54 9.03 -0.46
CA MET A 34 -0.34 7.82 -1.26
C MET A 34 -0.32 6.62 -0.31
N GLY A 35 -0.83 5.49 -0.75
CA GLY A 35 -0.83 4.35 0.13
C GLY A 35 -1.39 3.10 -0.51
N TRP A 36 -1.74 2.14 0.37
CA TRP A 36 -2.15 0.79 0.03
C TRP A 36 -3.44 0.43 0.72
N TYR A 37 -4.29 -0.24 -0.02
CA TYR A 37 -5.49 -0.91 0.48
C TYR A 37 -5.33 -2.41 0.22
N ARG A 38 -6.13 -3.25 0.87
CA ARG A 38 -6.04 -4.66 0.50
C ARG A 38 -7.41 -5.30 0.58
N GLN A 39 -7.60 -6.35 -0.23
CA GLN A 39 -8.86 -7.08 -0.25
C GLN A 39 -8.61 -8.56 0.00
N PRO A 40 -8.86 -9.08 1.20
CA PRO A 40 -8.83 -10.53 1.38
C PRO A 40 -9.89 -11.18 0.51
N PRO A 41 -9.69 -12.42 0.07
CA PRO A 41 -10.69 -13.02 -0.83
C PRO A 41 -12.06 -12.99 -0.19
N GLY A 42 -13.04 -12.56 -0.96
CA GLY A 42 -14.42 -12.55 -0.53
C GLY A 42 -14.76 -11.45 0.45
N LYS A 43 -13.77 -10.73 0.97
CA LYS A 43 -14.02 -9.66 1.93
C LYS A 43 -13.95 -8.29 1.29
N GLN A 44 -14.44 -7.28 2.02
CA GLN A 44 -14.40 -5.92 1.56
C GLN A 44 -12.97 -5.42 1.47
N ARG A 45 -12.77 -4.41 0.64
CA ARG A 45 -11.48 -3.77 0.58
C ARG A 45 -11.31 -2.79 1.74
N GLU A 46 -10.12 -2.76 2.32
CA GLU A 46 -9.85 -1.97 3.49
C GLU A 46 -8.50 -1.29 3.31
N GLY A 47 -8.38 -0.08 3.85
CA GLY A 47 -7.11 0.60 3.87
C GLY A 47 -6.09 -0.12 4.73
N VAL A 48 -4.85 -0.02 4.33
CA VAL A 48 -3.74 -0.67 5.03
C VAL A 48 -2.80 0.36 5.63
N ALA A 49 -2.25 1.24 4.81
CA ALA A 49 -1.33 2.27 5.28
C ALA A 49 -1.34 3.40 4.28
N ALA A 50 -1.12 4.61 4.78
CA ALA A 50 -1.05 5.77 3.90
C ALA A 50 0.01 6.71 4.45
N ILE A 51 0.61 7.50 3.54
CA ILE A 51 1.63 8.46 3.92
C ILE A 51 1.37 9.72 3.11
N ARG A 52 1.40 10.86 3.78
CA ARG A 52 1.23 12.17 3.17
C ARG A 52 2.59 12.70 2.74
N LEU A 53 2.58 13.72 1.86
CA LEU A 53 3.85 14.23 1.34
C LEU A 53 4.77 14.68 2.46
N SER A 54 4.18 15.19 3.56
CA SER A 54 4.96 15.66 4.70
C SER A 54 5.76 14.55 5.34
N GLY A 55 5.34 13.28 5.16
CA GLY A 55 5.89 12.12 5.82
C GLY A 55 4.99 11.57 6.90
N ASN A 56 3.91 12.28 7.22
CA ASN A 56 2.94 11.84 8.20
C ASN A 56 2.20 10.61 7.68
N MET A 57 2.10 9.61 8.52
CA MET A 57 1.66 8.31 8.05
C MET A 57 0.56 7.77 8.94
N HIS A 58 -0.16 6.81 8.40
CA HIS A 58 -1.31 6.26 9.08
C HIS A 58 -1.41 4.78 8.75
N TYR A 59 -1.65 3.95 9.77
CA TYR A 59 -1.79 2.52 9.63
C TYR A 59 -3.16 2.12 10.13
N ALA A 60 -3.82 1.22 9.40
CA ALA A 60 -4.95 0.53 9.96
C ALA A 60 -4.52 -0.30 11.17
N GLU A 61 -5.47 -0.52 12.08
CA GLU A 61 -5.22 -1.27 13.30
C GLU A 61 -4.81 -2.70 13.02
N SER A 62 -5.45 -3.34 12.05
CA SER A 62 -5.09 -4.75 11.78
C SER A 62 -3.64 -4.93 11.38
N VAL A 63 -2.95 -3.90 10.88
CA VAL A 63 -1.58 -4.05 10.43
C VAL A 63 -0.59 -3.18 11.19
N LYS A 64 -1.07 -2.32 12.08
CA LYS A 64 -0.22 -1.32 12.70
C LYS A 64 0.92 -2.02 13.44
N GLY A 65 2.14 -1.52 13.25
CA GLY A 65 3.31 -2.22 13.71
C GLY A 65 3.85 -3.34 12.81
N ARG A 66 2.97 -4.12 12.20
CA ARG A 66 3.53 -5.16 11.34
C ARG A 66 3.96 -4.64 9.96
N PHE A 67 3.27 -3.64 9.40
CA PHE A 67 3.65 -3.09 8.10
C PHE A 67 4.28 -1.72 8.28
N ALA A 68 5.08 -1.29 7.31
CA ALA A 68 5.68 0.05 7.36
C ALA A 68 5.67 0.67 5.97
N ILE A 69 5.15 1.89 5.87
CA ILE A 69 5.06 2.60 4.61
C ILE A 69 6.06 3.75 4.63
N SER A 70 6.62 4.07 3.46
CA SER A 70 7.67 5.10 3.39
C SER A 70 7.70 5.67 1.99
N LYS A 71 8.31 6.85 1.86
CA LYS A 71 8.51 7.48 0.57
C LYS A 71 9.83 6.99 -0.02
N ALA A 72 9.79 6.52 -1.26
CA ALA A 72 11.05 6.27 -1.96
C ALA A 72 11.68 7.61 -2.36
N ASN A 73 12.96 7.58 -2.72
CA ASN A 73 13.60 8.82 -3.18
C ASN A 73 12.98 9.29 -4.49
N ALA A 74 12.47 8.36 -5.30
CA ALA A 74 11.87 8.64 -6.59
C ALA A 74 10.57 9.44 -6.45
N LYS A 75 10.31 10.26 -7.46
CA LYS A 75 9.05 11.01 -7.50
C LYS A 75 7.86 10.08 -7.33
N ASN A 76 6.93 10.46 -6.44
CA ASN A 76 5.63 9.78 -6.33
C ASN A 76 5.76 8.25 -6.23
N THR A 77 6.65 7.81 -5.36
CA THR A 77 6.91 6.37 -5.19
C THR A 77 6.93 6.05 -3.72
N VAL A 78 6.21 5.00 -3.31
CA VAL A 78 6.16 4.58 -1.92
C VAL A 78 6.44 3.09 -1.86
N TYR A 79 6.92 2.66 -0.70
CA TYR A 79 7.19 1.27 -0.39
C TYR A 79 6.30 0.84 0.76
N LEU A 80 5.88 -0.43 0.72
CA LEU A 80 5.23 -1.09 1.86
C LEU A 80 6.11 -2.24 2.31
N GLN A 81 6.73 -2.13 3.49
CA GLN A 81 7.42 -3.26 4.12
C GLN A 81 6.39 -4.13 4.82
N MET A 82 6.28 -5.39 4.45
CA MET A 82 5.35 -6.32 5.10
C MET A 82 6.18 -7.37 5.81
N ASN A 83 6.28 -7.28 7.14
CA ASN A 83 7.13 -8.17 7.91
C ASN A 83 6.29 -9.27 8.56
N SER A 84 6.94 -10.42 8.83
CA SER A 84 6.33 -11.48 9.65
C SER A 84 5.00 -11.91 9.06
N LEU A 85 4.99 -12.15 7.75
CA LEU A 85 3.76 -12.33 7.02
C LEU A 85 3.00 -13.57 7.50
N ARG A 86 1.68 -13.51 7.51
CA ARG A 86 0.85 -14.64 7.93
C ARG A 86 -0.23 -14.90 6.90
N PRO A 87 -0.83 -16.10 6.94
CA PRO A 87 -1.84 -16.39 5.91
C PRO A 87 -2.98 -15.42 5.91
N GLU A 88 -3.28 -14.79 7.06
CA GLU A 88 -4.36 -13.81 7.04
C GLU A 88 -3.98 -12.56 6.28
N ASP A 89 -2.72 -12.38 5.93
CA ASP A 89 -2.30 -11.24 5.12
C ASP A 89 -2.54 -11.47 3.64
N THR A 90 -2.97 -12.68 3.26
CA THR A 90 -3.23 -13.00 1.87
C THR A 90 -4.32 -12.12 1.30
N ALA A 91 -4.07 -11.50 0.14
CA ALA A 91 -4.96 -10.42 -0.28
C ALA A 91 -4.46 -9.86 -1.60
N VAL A 92 -5.36 -9.25 -2.34
CA VAL A 92 -4.94 -8.31 -3.37
C VAL A 92 -4.60 -6.98 -2.70
N TYR A 93 -3.39 -6.48 -2.97
CA TYR A 93 -2.95 -5.18 -2.43
C TYR A 93 -3.03 -4.15 -3.54
N TYR A 94 -3.76 -3.06 -3.28
CA TYR A 94 -3.99 -1.99 -4.24
C TYR A 94 -3.27 -0.71 -3.83
N CYS A 95 -2.52 -0.14 -4.75
CA CYS A 95 -1.95 1.18 -4.53
C CYS A 95 -2.98 2.24 -4.89
N LYS A 96 -2.91 3.36 -4.18
CA LYS A 96 -3.80 4.49 -4.41
C LYS A 96 -3.01 5.77 -4.17
N VAL A 97 -3.27 6.81 -4.99
CA VAL A 97 -2.59 8.08 -4.86
C VAL A 97 -3.58 9.21 -5.06
N ASN A 98 -3.33 10.32 -4.37
CA ASN A 98 -4.16 11.51 -4.58
C ASN A 98 -3.24 12.62 -5.08
N ILE A 99 -3.46 13.06 -6.31
CA ILE A 99 -2.63 14.06 -6.94
C ILE A 99 -3.53 15.17 -7.46
N ARG A 100 -3.25 16.40 -7.02
CA ARG A 100 -3.98 17.59 -7.46
C ARG A 100 -5.49 17.40 -7.30
N GLY A 101 -5.88 16.81 -6.17
CA GLY A 101 -7.29 16.70 -5.89
C GLY A 101 -8.00 15.50 -6.45
N GLN A 102 -7.33 14.64 -7.22
CA GLN A 102 -7.91 13.45 -7.81
C GLN A 102 -7.24 12.20 -7.25
N ASP A 103 -8.06 11.19 -6.93
CA ASP A 103 -7.60 9.86 -6.55
C ASP A 103 -7.37 8.97 -7.77
N TYR A 104 -6.31 8.19 -7.75
CA TYR A 104 -6.05 7.18 -8.78
C TYR A 104 -5.70 5.87 -8.10
N TRP A 105 -6.15 4.77 -8.69
CA TRP A 105 -6.02 3.45 -8.11
C TRP A 105 -5.19 2.57 -9.01
N GLY A 106 -4.33 1.78 -8.43
CA GLY A 106 -3.66 0.75 -9.19
C GLY A 106 -4.54 -0.46 -9.47
N GLN A 107 -4.06 -1.32 -10.36
CA GLN A 107 -4.75 -2.56 -10.73
C GLN A 107 -4.68 -3.59 -9.63
N GLY A 108 -3.71 -3.49 -8.72
CA GLY A 108 -3.60 -4.42 -7.61
C GLY A 108 -2.54 -5.48 -7.85
N THR A 109 -1.86 -5.89 -6.79
CA THR A 109 -0.92 -6.98 -6.92
C THR A 109 -1.17 -7.98 -5.80
N GLN A 110 -1.11 -9.27 -6.15
CA GLN A 110 -1.42 -10.33 -5.20
C GLN A 110 -0.28 -10.55 -4.22
N VAL A 111 -0.61 -10.66 -2.95
CA VAL A 111 0.32 -11.17 -1.99
C VAL A 111 -0.31 -12.39 -1.34
N THR A 112 0.32 -13.55 -1.50
CA THR A 112 -0.27 -14.76 -0.95
C THR A 112 0.74 -15.43 -0.06
N VAL A 113 0.29 -15.77 1.14
CA VAL A 113 1.15 -16.25 2.20
C VAL A 113 0.68 -17.66 2.52
N SER A 114 1.52 -18.64 2.25
CA SER A 114 1.11 -19.99 2.62
C SER A 114 1.41 -20.19 4.10
N SER A 115 0.74 -21.17 4.69
CA SER A 115 1.03 -21.49 6.08
C SER A 115 2.36 -22.22 6.23
N VAL A 116 2.83 -22.89 5.17
CA VAL A 116 4.16 -23.51 5.20
C VAL A 116 5.21 -22.41 5.41
N SER A 117 6.25 -22.74 6.17
CA SER A 117 7.33 -21.81 6.45
C SER A 117 8.66 -22.51 6.19
N SER A 118 9.74 -21.74 6.29
CA SER A 118 11.10 -22.23 6.02
C SER A 118 11.46 -23.58 6.66
N SER B 1 -11.61 7.40 10.79
CA SER B 1 -11.50 6.16 10.03
C SER B 1 -10.28 6.25 9.09
N PHE B 2 -9.92 5.15 8.43
CA PHE B 2 -8.89 5.23 7.40
C PHE B 2 -9.25 6.28 6.34
N GLU B 3 -10.52 6.38 5.98
CA GLU B 3 -10.89 7.31 4.94
C GLU B 3 -10.77 8.76 5.42
N ASP B 4 -10.99 9.01 6.72
CA ASP B 4 -10.77 10.34 7.26
C ASP B 4 -9.30 10.74 7.12
N PHE B 5 -8.36 9.83 7.40
CA PHE B 5 -6.97 10.18 7.14
C PHE B 5 -6.75 10.43 5.66
N TRP B 6 -7.29 9.56 4.79
CA TRP B 6 -7.02 9.69 3.36
C TRP B 6 -7.44 11.05 2.83
N LYS B 7 -8.69 11.43 3.14
CA LYS B 7 -9.26 12.65 2.61
C LYS B 7 -8.67 13.88 3.27
N GLY B 8 -8.07 13.74 4.45
CA GLY B 8 -7.69 14.93 5.21
C GLY B 8 -6.62 15.74 4.50
N GLU B 9 -6.59 17.02 4.82
CA GLU B 9 -5.49 17.84 4.36
C GLU B 9 -4.22 17.46 5.09
N ASP B 10 -3.09 17.68 4.43
CA ASP B 10 -1.82 17.45 5.07
C ASP B 10 -1.60 18.51 6.16
#